data_6CVA
#
_entry.id   6CVA
#
_cell.length_a   52.564
_cell.length_b   89.663
_cell.length_c   45.088
_cell.angle_alpha   90.000
_cell.angle_beta   90.000
_cell.angle_gamma   90.000
#
_symmetry.space_group_name_H-M   'P 21 21 2'
#
loop_
_entity.id
_entity.type
_entity.pdbx_description
1 polymer Lipoprotein
2 water water
#
_entity_poly.entity_id   1
_entity_poly.type   'polypeptide(L)'
_entity_poly.pdbx_seq_one_letter_code
;EIVFGTTVGDFGD(MSE)VKEQIQAELEKKGYTVKLVEFTDYVRPNLALAEGELDINVFQHKPYLDDFKKEHNLDITEVF
QVPTAPLGLYPGKLKSLEEVKDGSTVSAPNDPSNFARVLV(MSE)LDELGWIKLKDGINPLTASKADIAENLKNIKIVEL
EAAQLPRSRADVDFAVVNGNYAISSG(MSE)KLTEALFQEPSFAYVAWSAVKTADKDSQWLKDVTEAYNSDAFKAYAHKR
FEGYKSPAAWNEG
;
_entity_poly.pdbx_strand_id   A
#
# COMPACT_ATOMS: atom_id res chain seq x y z
N GLU A 1 13.79 22.40 -11.87
CA GLU A 1 13.09 21.18 -12.21
C GLU A 1 13.28 20.14 -11.11
N ILE A 2 12.18 19.56 -10.64
CA ILE A 2 12.20 18.42 -9.73
C ILE A 2 11.86 17.17 -10.55
N VAL A 3 12.74 16.19 -10.52
CA VAL A 3 12.59 14.97 -11.31
C VAL A 3 11.99 13.89 -10.41
N PHE A 4 10.74 13.50 -10.72
CA PHE A 4 10.02 12.44 -10.05
C PHE A 4 10.18 11.14 -10.82
N GLY A 5 10.35 10.04 -10.11
CA GLY A 5 10.23 8.73 -10.73
C GLY A 5 9.08 7.99 -10.10
N THR A 6 8.17 7.45 -10.92
CA THR A 6 7.09 6.63 -10.40
C THR A 6 6.91 5.41 -11.28
N THR A 7 6.18 4.43 -10.77
CA THR A 7 5.67 3.40 -11.63
C THR A 7 4.53 3.95 -12.48
N VAL A 8 4.15 3.18 -13.49
CA VAL A 8 3.04 3.54 -14.37
C VAL A 8 1.73 3.25 -13.64
N GLY A 9 0.88 4.26 -13.50
CA GLY A 9 -0.36 4.10 -12.79
C GLY A 9 -0.63 5.19 -11.77
N ASP A 10 -1.24 4.81 -10.64
CA ASP A 10 -1.78 5.79 -9.70
C ASP A 10 -0.75 6.81 -9.25
N PHE A 11 0.48 6.36 -8.96
CA PHE A 11 1.46 7.28 -8.39
C PHE A 11 1.91 8.31 -9.42
N GLY A 12 2.01 7.92 -10.69
CA GLY A 12 2.28 8.90 -11.73
C GLY A 12 1.09 9.82 -11.96
N ASP A 13 -0.13 9.27 -11.87
CA ASP A 13 -1.32 10.08 -12.04
C ASP A 13 -1.38 11.18 -11.01
N VAL A 15 1.11 12.81 -9.69
CA VAL A 15 2.03 13.84 -10.13
C VAL A 15 1.42 14.63 -11.29
N LYS A 16 0.88 13.93 -12.28
CA LYS A 16 0.42 14.59 -13.50
C LYS A 16 -0.82 15.43 -13.24
N GLU A 17 -1.72 14.95 -12.38
CA GLU A 17 -3.06 15.51 -12.24
C GLU A 17 -3.16 16.56 -11.13
N GLN A 18 -2.36 16.45 -10.07
CA GLN A 18 -2.44 17.43 -9.00
C GLN A 18 -1.10 18.01 -8.57
N ILE A 19 -0.06 17.19 -8.42
CA ILE A 19 1.15 17.67 -7.75
C ILE A 19 1.93 18.61 -8.66
N GLN A 20 1.94 18.33 -9.96
CA GLN A 20 2.71 19.15 -10.89
C GLN A 20 2.28 20.61 -10.83
N ALA A 21 0.98 20.88 -10.97
CA ALA A 21 0.50 22.26 -10.94
C ALA A 21 0.73 22.90 -9.58
N GLU A 22 0.51 22.15 -8.51
CA GLU A 22 0.74 22.66 -7.16
C GLU A 22 2.18 23.15 -7.01
N LEU A 23 3.15 22.36 -7.49
CA LEU A 23 4.55 22.76 -7.37
C LEU A 23 4.92 23.84 -8.39
N GLU A 24 4.24 23.90 -9.53
CA GLU A 24 4.42 25.02 -10.44
C GLU A 24 4.05 26.34 -9.76
N LYS A 25 2.97 26.33 -8.95
CA LYS A 25 2.61 27.51 -8.19
C LYS A 25 3.73 27.97 -7.26
N LYS A 26 4.69 27.11 -6.95
CA LYS A 26 5.75 27.40 -6.00
C LYS A 26 7.09 27.64 -6.69
N GLY A 27 7.10 27.83 -8.01
CA GLY A 27 8.29 28.19 -8.75
C GLY A 27 8.98 27.03 -9.44
N TYR A 28 8.55 25.80 -9.20
CA TYR A 28 9.22 24.63 -9.76
C TYR A 28 8.59 24.20 -11.07
N THR A 29 9.35 23.45 -11.85
CA THR A 29 8.79 22.56 -12.86
C THR A 29 8.96 21.13 -12.37
N VAL A 30 8.12 20.24 -12.89
CA VAL A 30 8.15 18.84 -12.52
C VAL A 30 8.38 18.03 -13.79
N LYS A 31 9.31 17.09 -13.71
CA LYS A 31 9.59 16.15 -14.79
C LYS A 31 9.28 14.76 -14.26
N LEU A 32 8.35 14.07 -14.91
CA LEU A 32 7.95 12.73 -14.50
C LEU A 32 8.63 11.69 -15.37
N VAL A 33 9.37 10.79 -14.74
CA VAL A 33 9.97 9.63 -15.38
C VAL A 33 9.19 8.42 -14.90
N GLU A 34 8.58 7.70 -15.84
CA GLU A 34 7.80 6.52 -15.53
C GLU A 34 8.65 5.27 -15.73
N PHE A 35 8.53 4.35 -14.79
CA PHE A 35 9.24 3.08 -14.81
C PHE A 35 8.25 1.94 -14.85
N THR A 36 8.60 0.88 -15.56
CA THR A 36 7.75 -0.29 -15.69
C THR A 36 8.19 -1.45 -14.82
N ASP A 37 9.22 -1.27 -13.98
CA ASP A 37 9.61 -2.31 -13.04
C ASP A 37 10.00 -1.66 -11.72
N TYR A 38 10.19 -2.50 -10.71
CA TYR A 38 10.41 -2.06 -9.35
C TYR A 38 11.87 -2.03 -8.93
N VAL A 39 12.79 -2.38 -9.82
CA VAL A 39 14.21 -2.40 -9.50
C VAL A 39 14.90 -1.11 -9.90
N ARG A 40 14.55 -0.56 -11.05
CA ARG A 40 15.23 0.63 -11.56
C ARG A 40 14.99 1.91 -10.75
N PRO A 41 13.81 2.17 -10.19
CA PRO A 41 13.57 3.49 -9.60
C PRO A 41 14.53 3.87 -8.48
N ASN A 42 14.82 2.97 -7.54
CA ASN A 42 15.74 3.32 -6.47
C ASN A 42 17.17 3.45 -6.98
N LEU A 43 17.54 2.65 -7.98
CA LEU A 43 18.87 2.78 -8.56
C LEU A 43 19.02 4.12 -9.25
N ALA A 44 18.02 4.52 -10.03
CA ALA A 44 18.05 5.81 -10.70
C ALA A 44 18.10 6.95 -9.70
N LEU A 45 17.33 6.83 -8.61
CA LEU A 45 17.39 7.82 -7.54
C LEU A 45 18.80 7.93 -6.98
N ALA A 46 19.41 6.79 -6.64
CA ALA A 46 20.75 6.80 -6.05
C ALA A 46 21.81 7.36 -6.99
N GLU A 47 21.70 7.14 -8.32
CA GLU A 47 22.70 7.70 -9.23
C GLU A 47 22.49 9.17 -9.52
N GLY A 48 21.43 9.77 -9.01
CA GLY A 48 21.14 11.17 -9.28
C GLY A 48 20.34 11.44 -10.53
N GLU A 49 19.77 10.40 -11.15
CA GLU A 49 18.92 10.59 -12.31
C GLU A 49 17.51 11.01 -11.91
N LEU A 50 17.13 10.76 -10.66
CA LEU A 50 15.88 11.24 -10.08
C LEU A 50 16.20 12.01 -8.82
N ASP A 51 15.32 12.96 -8.48
CA ASP A 51 15.38 13.64 -7.20
C ASP A 51 14.52 12.93 -6.15
N ILE A 52 13.45 12.28 -6.56
CA ILE A 52 12.52 11.65 -5.64
C ILE A 52 11.80 10.55 -6.42
N ASN A 53 11.45 9.46 -5.74
CA ASN A 53 10.57 8.51 -6.36
C ASN A 53 9.39 8.19 -5.44
N VAL A 54 8.29 7.75 -6.06
CA VAL A 54 7.08 7.40 -5.34
C VAL A 54 6.51 6.12 -5.97
N PHE A 55 6.87 4.97 -5.41
CA PHE A 55 6.32 3.72 -5.95
C PHE A 55 6.20 2.58 -4.94
N GLN A 56 6.88 2.66 -3.80
CA GLN A 56 7.16 1.49 -2.97
C GLN A 56 6.71 1.70 -1.54
N HIS A 57 6.54 0.60 -0.81
CA HIS A 57 6.34 0.67 0.63
C HIS A 57 7.67 0.47 1.34
N LYS A 58 7.65 0.74 2.66
CA LYS A 58 8.89 0.78 3.43
C LYS A 58 9.53 -0.59 3.59
N PRO A 59 8.78 -1.68 3.77
CA PRO A 59 9.47 -3.00 3.79
C PRO A 59 10.29 -3.25 2.53
N TYR A 60 9.73 -2.95 1.36
CA TYR A 60 10.48 -3.11 0.11
C TYR A 60 11.70 -2.21 0.10
N LEU A 61 11.51 -0.93 0.46
CA LEU A 61 12.62 0.02 0.45
C LEU A 61 13.74 -0.44 1.37
N ASP A 62 13.39 -0.86 2.59
CA ASP A 62 14.38 -1.28 3.57
C ASP A 62 15.22 -2.43 3.01
N ASP A 63 14.56 -3.45 2.48
CA ASP A 63 15.31 -4.57 1.90
C ASP A 63 16.16 -4.11 0.73
N PHE A 64 15.61 -3.26 -0.14
CA PHE A 64 16.33 -2.89 -1.36
C PHE A 64 17.57 -2.09 -1.04
N LYS A 65 17.44 -1.07 -0.19
CA LYS A 65 18.58 -0.22 0.10
C LYS A 65 19.61 -0.95 0.94
N LYS A 66 19.20 -1.95 1.73
CA LYS A 66 20.17 -2.79 2.42
C LYS A 66 20.98 -3.62 1.41
N GLU A 67 20.27 -4.32 0.52
CA GLU A 67 20.94 -5.27 -0.37
C GLU A 67 21.78 -4.57 -1.43
N HIS A 68 21.41 -3.36 -1.83
CA HIS A 68 22.17 -2.60 -2.82
C HIS A 68 23.01 -1.51 -2.22
N ASN A 69 23.05 -1.40 -0.89
CA ASN A 69 23.87 -0.42 -0.19
C ASN A 69 23.63 0.99 -0.72
N LEU A 70 22.37 1.39 -0.75
CA LEU A 70 21.97 2.70 -1.23
C LEU A 70 21.73 3.64 -0.06
N ASP A 71 22.23 4.88 -0.19
CA ASP A 71 22.02 5.90 0.85
C ASP A 71 20.78 6.70 0.47
N ILE A 72 19.62 6.08 0.70
CA ILE A 72 18.32 6.67 0.41
C ILE A 72 17.41 6.44 1.61
N THR A 73 16.33 7.21 1.68
CA THR A 73 15.43 7.18 2.82
C THR A 73 14.01 7.51 2.37
N GLU A 74 13.04 6.97 3.10
CA GLU A 74 11.65 7.36 2.93
C GLU A 74 11.46 8.77 3.46
N VAL A 75 10.43 9.45 2.97
CA VAL A 75 10.13 10.81 3.43
C VAL A 75 8.70 10.91 3.97
N PHE A 76 7.70 10.73 3.09
CA PHE A 76 6.32 10.88 3.49
C PHE A 76 5.46 9.79 2.83
N GLN A 77 4.32 9.51 3.44
CA GLN A 77 3.38 8.54 2.92
C GLN A 77 2.47 9.17 1.87
N VAL A 78 1.92 8.32 1.01
CA VAL A 78 0.99 8.74 -0.04
C VAL A 78 -0.21 7.80 -0.06
N PRO A 79 -1.38 8.25 -0.53
CA PRO A 79 -2.55 7.36 -0.57
C PRO A 79 -2.23 6.10 -1.36
N THR A 80 -2.67 4.96 -0.84
CA THR A 80 -2.25 3.66 -1.35
C THR A 80 -3.44 2.72 -1.50
N ALA A 81 -3.44 1.97 -2.60
CA ALA A 81 -4.47 0.99 -2.86
C ALA A 81 -4.49 -0.07 -1.76
N PRO A 82 -5.61 -0.26 -1.06
CA PRO A 82 -5.59 -1.03 0.18
C PRO A 82 -5.90 -2.50 -0.03
N LEU A 83 -5.40 -3.30 0.91
CA LEU A 83 -5.81 -4.69 1.05
C LEU A 83 -7.17 -4.73 1.76
N GLY A 84 -8.11 -5.48 1.21
CA GLY A 84 -9.47 -5.46 1.74
C GLY A 84 -10.07 -6.84 1.86
N LEU A 85 -10.93 -7.00 2.87
CA LEU A 85 -11.77 -8.17 3.02
C LEU A 85 -13.14 -7.86 2.43
N TYR A 86 -13.52 -8.61 1.41
CA TYR A 86 -14.72 -8.38 0.64
C TYR A 86 -15.72 -9.51 0.85
N PRO A 87 -17.00 -9.25 0.58
CA PRO A 87 -18.01 -10.30 0.75
C PRO A 87 -17.80 -11.43 -0.24
N GLY A 88 -18.01 -12.64 0.23
CA GLY A 88 -18.06 -13.82 -0.62
C GLY A 88 -19.45 -14.43 -0.56
N LYS A 89 -19.54 -15.69 -0.16
CA LYS A 89 -20.86 -16.27 0.10
C LYS A 89 -21.56 -15.61 1.28
N LEU A 90 -20.81 -15.00 2.19
CA LEU A 90 -21.36 -14.23 3.30
C LEU A 90 -21.17 -12.75 3.04
N LYS A 91 -22.13 -11.95 3.51
CA LYS A 91 -22.22 -10.55 3.11
C LYS A 91 -21.94 -9.57 4.24
N SER A 92 -21.62 -10.03 5.44
CA SER A 92 -21.28 -9.11 6.52
C SER A 92 -20.44 -9.82 7.57
N LEU A 93 -19.69 -9.02 8.34
CA LEU A 93 -18.69 -9.55 9.25
C LEU A 93 -19.30 -10.40 10.35
N GLU A 94 -20.49 -10.04 10.83
CA GLU A 94 -21.06 -10.77 11.97
C GLU A 94 -21.78 -12.04 11.55
N GLU A 95 -21.89 -12.31 10.26
CA GLU A 95 -22.34 -13.62 9.80
C GLU A 95 -21.24 -14.66 9.86
N VAL A 96 -20.00 -14.26 10.18
CA VAL A 96 -18.91 -15.21 10.27
C VAL A 96 -19.30 -16.33 11.23
N LYS A 97 -19.04 -17.57 10.80
CA LYS A 97 -19.34 -18.75 11.59
C LYS A 97 -18.04 -19.48 11.91
N ASP A 98 -18.13 -20.39 12.89
CA ASP A 98 -17.02 -21.29 13.15
C ASP A 98 -16.81 -22.18 11.93
N GLY A 99 -15.64 -22.09 11.31
CA GLY A 99 -15.34 -22.83 10.11
C GLY A 99 -15.51 -22.04 8.83
N SER A 100 -15.90 -20.77 8.91
CA SER A 100 -16.03 -19.94 7.72
C SER A 100 -14.72 -19.93 6.94
N THR A 101 -14.84 -19.86 5.62
CA THR A 101 -13.70 -19.85 4.73
C THR A 101 -13.36 -18.43 4.32
N VAL A 102 -12.06 -18.15 4.23
CA VAL A 102 -11.54 -16.87 3.76
C VAL A 102 -10.47 -17.15 2.72
N SER A 103 -10.66 -16.65 1.50
CA SER A 103 -9.61 -16.75 0.51
C SER A 103 -8.58 -15.64 0.72
N ALA A 104 -7.32 -15.95 0.44
CA ALA A 104 -6.23 -15.02 0.69
C ALA A 104 -5.12 -15.24 -0.33
N PRO A 105 -4.37 -14.19 -0.66
CA PRO A 105 -3.20 -14.39 -1.53
C PRO A 105 -2.15 -15.24 -0.86
N ASN A 106 -1.44 -16.02 -1.68
CA ASN A 106 -0.52 -17.04 -1.15
C ASN A 106 0.94 -16.62 -1.20
N ASP A 107 1.26 -15.42 -1.65
CA ASP A 107 2.65 -15.00 -1.49
C ASP A 107 2.91 -14.61 -0.04
N PRO A 108 4.12 -14.85 0.47
CA PRO A 108 4.33 -14.77 1.92
C PRO A 108 4.04 -13.40 2.52
N SER A 109 4.41 -12.31 1.85
CA SER A 109 4.20 -10.98 2.42
C SER A 109 2.72 -10.64 2.50
N ASN A 110 1.99 -10.86 1.40
CA ASN A 110 0.55 -10.59 1.42
C ASN A 110 -0.16 -11.51 2.39
N PHE A 111 0.27 -12.78 2.45
CA PHE A 111 -0.37 -13.71 3.37
C PHE A 111 -0.18 -13.26 4.82
N ALA A 112 1.03 -12.81 5.16
CA ALA A 112 1.26 -12.26 6.50
C ALA A 112 0.33 -11.10 6.78
N ARG A 113 0.13 -10.21 5.79
CA ARG A 113 -0.78 -9.08 5.99
C ARG A 113 -2.20 -9.57 6.26
N VAL A 114 -2.63 -10.62 5.57
CA VAL A 114 -3.96 -11.17 5.80
C VAL A 114 -4.07 -11.69 7.23
N LEU A 115 -3.05 -12.42 7.70
CA LEU A 115 -3.11 -12.95 9.06
C LEU A 115 -3.20 -11.83 10.08
N VAL A 116 -2.43 -10.76 9.88
CA VAL A 116 -2.50 -9.63 10.81
C VAL A 116 -3.89 -9.02 10.80
N LEU A 118 -6.77 -10.56 10.08
CA LEU A 118 -7.69 -11.47 10.75
C LEU A 118 -7.49 -11.42 12.26
N ASP A 119 -6.26 -11.17 12.71
CA ASP A 119 -6.02 -10.98 14.13
C ASP A 119 -6.67 -9.69 14.63
N GLU A 120 -6.60 -8.63 13.84
CA GLU A 120 -7.26 -7.38 14.22
C GLU A 120 -8.78 -7.56 14.29
N LEU A 121 -9.33 -8.36 13.38
CA LEU A 121 -10.76 -8.64 13.39
C LEU A 121 -11.19 -9.47 14.60
N GLY A 122 -10.24 -10.16 15.24
CA GLY A 122 -10.57 -11.06 16.32
C GLY A 122 -10.96 -12.46 15.89
N TRP A 123 -10.79 -12.79 14.61
CA TRP A 123 -11.14 -14.13 14.14
C TRP A 123 -10.03 -15.14 14.42
N ILE A 124 -8.78 -14.68 14.48
CA ILE A 124 -7.66 -15.52 14.89
C ILE A 124 -6.82 -14.72 15.89
N LYS A 125 -5.91 -15.42 16.56
CA LYS A 125 -4.97 -14.79 17.47
C LYS A 125 -3.56 -15.26 17.12
N LEU A 126 -2.70 -14.32 16.79
CA LEU A 126 -1.31 -14.64 16.44
C LEU A 126 -0.46 -14.73 17.71
N LYS A 127 0.60 -15.53 17.61
CA LYS A 127 1.58 -15.59 18.69
C LYS A 127 2.08 -14.20 19.01
N ASP A 128 2.50 -14.02 20.25
CA ASP A 128 3.02 -12.74 20.71
C ASP A 128 4.50 -12.63 20.40
N GLY A 129 4.95 -11.41 20.13
CA GLY A 129 6.36 -11.16 19.92
C GLY A 129 6.91 -11.64 18.60
N ILE A 130 6.06 -11.87 17.61
CA ILE A 130 6.51 -12.29 16.30
C ILE A 130 6.71 -11.06 15.42
N ASN A 131 7.48 -11.23 14.36
CA ASN A 131 7.60 -10.21 13.32
C ASN A 131 6.34 -10.20 12.48
N PRO A 132 5.52 -9.15 12.54
CA PRO A 132 4.27 -9.17 11.74
C PRO A 132 4.53 -9.28 10.25
N LEU A 133 5.70 -8.83 9.79
CA LEU A 133 5.98 -8.83 8.35
C LEU A 133 6.15 -10.24 7.80
N THR A 134 6.44 -11.22 8.65
CA THR A 134 6.66 -12.60 8.21
C THR A 134 5.67 -13.56 8.84
N ALA A 135 4.54 -13.06 9.34
CA ALA A 135 3.55 -13.94 9.96
C ALA A 135 3.12 -15.02 8.96
N SER A 136 3.06 -16.26 9.45
CA SER A 136 2.62 -17.40 8.66
C SER A 136 1.67 -18.24 9.50
N LYS A 137 1.13 -19.30 8.90
CA LYS A 137 0.19 -20.15 9.64
C LYS A 137 0.82 -20.72 10.90
N ALA A 138 2.14 -20.92 10.91
CA ALA A 138 2.81 -21.42 12.10
C ALA A 138 2.68 -20.45 13.27
N ASP A 139 2.37 -19.19 13.01
CA ASP A 139 2.31 -18.17 14.03
C ASP A 139 0.91 -17.99 14.62
N ILE A 140 -0.06 -18.78 14.19
CA ILE A 140 -1.40 -18.69 14.75
C ILE A 140 -1.39 -19.43 16.09
N ALA A 141 -1.50 -18.67 17.18
CA ALA A 141 -1.51 -19.26 18.51
C ALA A 141 -2.87 -19.86 18.83
N GLU A 142 -3.95 -19.28 18.32
CA GLU A 142 -5.30 -19.77 18.58
C GLU A 142 -6.18 -19.32 17.42
N ASN A 143 -6.77 -20.27 16.72
CA ASN A 143 -7.74 -19.95 15.67
C ASN A 143 -9.10 -19.80 16.34
N LEU A 144 -9.39 -18.57 16.77
CA LEU A 144 -10.57 -18.32 17.59
C LEU A 144 -11.84 -18.84 16.93
N LYS A 145 -12.04 -18.52 15.65
CA LYS A 145 -13.26 -18.89 14.95
C LYS A 145 -13.07 -20.06 13.99
N ASN A 146 -11.99 -20.84 14.17
CA ASN A 146 -11.68 -21.97 13.31
C ASN A 146 -11.82 -21.59 11.83
N ILE A 147 -11.29 -20.42 11.48
CA ILE A 147 -11.32 -19.98 10.09
C ILE A 147 -10.48 -20.92 9.25
N LYS A 148 -10.98 -21.25 8.05
CA LYS A 148 -10.20 -22.00 7.08
C LYS A 148 -9.75 -21.03 5.99
N ILE A 149 -8.44 -20.81 5.92
CA ILE A 149 -7.86 -19.85 4.98
C ILE A 149 -7.50 -20.59 3.71
N VAL A 150 -8.08 -20.17 2.60
CA VAL A 150 -7.87 -20.81 1.29
C VAL A 150 -6.87 -19.96 0.53
N GLU A 151 -5.65 -20.47 0.39
CA GLU A 151 -4.57 -19.73 -0.25
C GLU A 151 -4.64 -19.88 -1.76
N LEU A 152 -4.72 -18.75 -2.46
CA LEU A 152 -4.83 -18.71 -3.91
C LEU A 152 -3.86 -17.68 -4.47
N GLU A 153 -3.57 -17.80 -5.77
CA GLU A 153 -2.80 -16.77 -6.44
C GLU A 153 -3.53 -15.43 -6.33
N ALA A 154 -2.78 -14.35 -6.11
CA ALA A 154 -3.38 -13.05 -5.95
C ALA A 154 -4.35 -12.73 -7.08
N ALA A 155 -3.91 -12.96 -8.33
CA ALA A 155 -4.71 -12.62 -9.49
C ALA A 155 -6.02 -13.41 -9.54
N GLN A 156 -6.11 -14.53 -8.82
CA GLN A 156 -7.31 -15.35 -8.81
C GLN A 156 -8.31 -14.93 -7.76
N LEU A 157 -7.98 -13.97 -6.90
CA LEU A 157 -8.84 -13.71 -5.76
C LEU A 157 -10.18 -13.09 -6.16
N PRO A 158 -10.23 -12.20 -7.15
CA PRO A 158 -11.54 -11.64 -7.54
C PRO A 158 -12.54 -12.67 -8.01
N ARG A 159 -12.10 -13.83 -8.49
CA ARG A 159 -13.01 -14.86 -8.98
C ARG A 159 -13.36 -15.90 -7.93
N SER A 160 -12.84 -15.77 -6.71
CA SER A 160 -13.05 -16.76 -5.66
C SER A 160 -14.28 -16.49 -4.82
N ARG A 161 -14.98 -15.38 -5.04
CA ARG A 161 -16.04 -14.97 -4.12
C ARG A 161 -17.27 -15.86 -4.19
N ALA A 162 -17.38 -16.74 -5.19
CA ALA A 162 -18.42 -17.76 -5.18
C ALA A 162 -18.01 -18.99 -4.40
N ASP A 163 -16.72 -19.15 -4.11
CA ASP A 163 -16.19 -20.37 -3.51
C ASP A 163 -16.00 -20.27 -1.99
N VAL A 164 -15.89 -19.06 -1.44
CA VAL A 164 -15.54 -18.87 -0.04
C VAL A 164 -16.51 -17.86 0.58
N ASP A 165 -16.51 -17.82 1.91
CA ASP A 165 -17.42 -16.93 2.63
C ASP A 165 -16.98 -15.47 2.54
N PHE A 166 -15.67 -15.23 2.64
CA PHE A 166 -15.10 -13.89 2.48
C PHE A 166 -13.83 -14.01 1.65
N ALA A 167 -13.50 -12.96 0.92
CA ALA A 167 -12.30 -12.97 0.08
C ALA A 167 -11.44 -11.76 0.40
N VAL A 168 -10.16 -11.98 0.65
CA VAL A 168 -9.21 -10.89 0.84
C VAL A 168 -8.52 -10.63 -0.48
N VAL A 169 -8.71 -9.42 -1.02
CA VAL A 169 -8.19 -9.05 -2.33
C VAL A 169 -7.24 -7.87 -2.17
N ASN A 170 -6.11 -7.95 -2.89
CA ASN A 170 -5.17 -6.85 -3.00
C ASN A 170 -5.80 -5.69 -3.76
N GLY A 171 -5.37 -4.47 -3.41
CA GLY A 171 -5.97 -3.29 -4.02
C GLY A 171 -5.80 -3.24 -5.52
N ASN A 172 -4.63 -3.65 -6.02
CA ASN A 172 -4.37 -3.57 -7.45
C ASN A 172 -5.28 -4.49 -8.23
N TYR A 173 -5.45 -5.74 -7.77
CA TYR A 173 -6.31 -6.67 -8.48
C TYR A 173 -7.78 -6.35 -8.26
N ALA A 174 -8.14 -5.81 -7.09
CA ALA A 174 -9.50 -5.31 -6.91
C ALA A 174 -9.82 -4.27 -7.96
N ILE A 175 -8.92 -3.31 -8.16
CA ILE A 175 -9.16 -2.24 -9.12
C ILE A 175 -9.21 -2.80 -10.54
N SER A 176 -8.21 -3.60 -10.92
CA SER A 176 -8.14 -4.07 -12.31
C SER A 176 -9.29 -5.01 -12.67
N SER A 177 -9.93 -5.64 -11.68
CA SER A 177 -11.05 -6.54 -11.93
C SER A 177 -12.40 -5.84 -11.88
N GLY A 178 -12.42 -4.53 -11.65
CA GLY A 178 -13.65 -3.78 -11.65
C GLY A 178 -14.34 -3.67 -10.31
N LYS A 180 -14.97 -2.15 -6.47
CA LYS A 180 -14.85 -0.86 -5.80
C LYS A 180 -14.23 -1.08 -4.43
N LEU A 181 -13.15 -0.35 -4.15
CA LEU A 181 -12.50 -0.49 -2.85
C LEU A 181 -13.47 -0.22 -1.72
N THR A 182 -14.43 0.69 -1.92
CA THR A 182 -15.41 1.00 -0.88
C THR A 182 -16.37 -0.15 -0.62
N GLU A 183 -16.37 -1.20 -1.47
CA GLU A 183 -17.18 -2.38 -1.23
C GLU A 183 -16.64 -3.27 -0.12
N ALA A 184 -15.39 -3.06 0.29
CA ALA A 184 -14.80 -3.93 1.31
C ALA A 184 -15.55 -3.80 2.62
N LEU A 185 -15.77 -4.95 3.28
CA LEU A 185 -16.34 -4.95 4.61
C LEU A 185 -15.35 -4.55 5.68
N PHE A 186 -14.05 -4.69 5.39
CA PHE A 186 -12.99 -4.39 6.35
C PHE A 186 -11.74 -4.11 5.55
N GLN A 187 -11.12 -2.95 5.78
CA GLN A 187 -9.87 -2.60 5.13
C GLN A 187 -8.72 -2.76 6.11
N GLU A 188 -7.57 -3.17 5.59
CA GLU A 188 -6.37 -3.37 6.38
C GLU A 188 -6.10 -2.14 7.26
N PRO A 189 -6.07 -2.29 8.59
CA PRO A 189 -5.84 -1.12 9.44
C PRO A 189 -4.37 -0.71 9.53
N SER A 190 -3.46 -1.66 9.36
CA SER A 190 -2.04 -1.37 9.48
C SER A 190 -1.57 -0.42 8.38
N PHE A 191 -0.65 0.48 8.75
CA PHE A 191 -0.01 1.37 7.79
C PHE A 191 1.32 0.80 7.29
N ALA A 192 1.65 -0.44 7.65
CA ALA A 192 2.99 -0.95 7.39
C ALA A 192 3.30 -1.03 5.90
N TYR A 193 2.27 -1.09 5.04
CA TYR A 193 2.49 -1.27 3.61
C TYR A 193 1.96 -0.10 2.78
N VAL A 194 1.68 1.03 3.43
CA VAL A 194 1.37 2.24 2.69
C VAL A 194 2.62 2.70 1.94
N ALA A 195 2.42 3.26 0.75
CA ALA A 195 3.53 3.72 -0.07
C ALA A 195 4.16 4.98 0.51
N TRP A 196 5.48 5.09 0.34
CA TRP A 196 6.26 6.26 0.73
C TRP A 196 7.00 6.83 -0.47
N SER A 197 7.23 8.13 -0.45
CA SER A 197 8.24 8.73 -1.29
C SER A 197 9.63 8.44 -0.73
N ALA A 198 10.64 8.50 -1.61
CA ALA A 198 12.02 8.28 -1.19
C ALA A 198 12.96 9.25 -1.91
N VAL A 199 14.02 9.63 -1.20
CA VAL A 199 15.03 10.54 -1.70
C VAL A 199 16.41 10.04 -1.27
N LYS A 200 17.45 10.59 -1.91
CA LYS A 200 18.79 10.43 -1.37
C LYS A 200 18.88 11.09 0.00
N THR A 201 19.58 10.42 0.91
CA THR A 201 19.62 10.90 2.29
C THR A 201 20.21 12.29 2.39
N ALA A 202 21.19 12.61 1.53
CA ALA A 202 21.78 13.94 1.56
C ALA A 202 20.74 15.04 1.28
N ASP A 203 19.63 14.70 0.65
CA ASP A 203 18.61 15.66 0.26
C ASP A 203 17.46 15.77 1.27
N LYS A 204 17.52 15.04 2.38
CA LYS A 204 16.35 14.90 3.25
C LYS A 204 15.98 16.21 3.95
N ASP A 205 16.90 17.16 4.05
CA ASP A 205 16.65 18.44 4.71
C ASP A 205 16.55 19.59 3.72
N SER A 206 16.35 19.29 2.43
CA SER A 206 16.39 20.32 1.40
C SER A 206 15.08 21.09 1.33
N GLN A 207 15.16 22.34 0.87
CA GLN A 207 13.97 23.18 0.77
C GLN A 207 12.97 22.64 -0.24
N TRP A 208 13.45 22.19 -1.41
CA TRP A 208 12.52 21.68 -2.41
C TRP A 208 11.76 20.48 -1.86
N LEU A 209 12.40 19.65 -1.02
CA LEU A 209 11.69 18.50 -0.49
C LEU A 209 10.66 18.91 0.54
N LYS A 210 10.93 19.97 1.30
CA LYS A 210 9.90 20.51 2.19
C LYS A 210 8.69 20.95 1.39
N ASP A 211 8.92 21.57 0.22
CA ASP A 211 7.80 22.01 -0.60
C ASP A 211 7.04 20.83 -1.21
N VAL A 212 7.75 19.79 -1.65
CA VAL A 212 7.07 18.59 -2.14
C VAL A 212 6.23 17.95 -1.03
N THR A 213 6.79 17.85 0.17
CA THR A 213 6.04 17.28 1.30
C THR A 213 4.78 18.09 1.56
N GLU A 214 4.92 19.42 1.59
CA GLU A 214 3.75 20.29 1.73
C GLU A 214 2.71 19.98 0.67
N ALA A 215 3.14 19.84 -0.59
CA ALA A 215 2.19 19.60 -1.68
C ALA A 215 1.45 18.30 -1.48
N TYR A 216 2.15 17.25 -1.03
CA TYR A 216 1.49 15.97 -0.80
C TYR A 216 0.68 15.96 0.48
N ASN A 217 0.72 17.02 1.28
CA ASN A 217 -0.13 17.09 2.46
C ASN A 217 -1.05 18.31 2.44
N SER A 218 -1.20 18.96 1.29
CA SER A 218 -2.02 20.16 1.19
C SER A 218 -3.51 19.80 1.13
N ASP A 219 -4.34 20.81 1.42
CA ASP A 219 -5.78 20.61 1.36
C ASP A 219 -6.24 20.30 -0.05
N ALA A 220 -5.67 20.98 -1.05
CA ALA A 220 -5.99 20.70 -2.44
C ALA A 220 -5.69 19.25 -2.78
N PHE A 221 -4.52 18.76 -2.38
CA PHE A 221 -4.18 17.38 -2.69
C PHE A 221 -5.10 16.41 -1.99
N LYS A 222 -5.45 16.71 -0.73
CA LYS A 222 -6.35 15.83 0.01
C LYS A 222 -7.70 15.71 -0.67
N ALA A 223 -8.28 16.84 -1.08
CA ALA A 223 -9.57 16.79 -1.79
C ALA A 223 -9.43 16.03 -3.11
N TYR A 224 -8.35 16.28 -3.84
CA TYR A 224 -8.10 15.55 -5.08
C TYR A 224 -8.06 14.05 -4.82
N ALA A 225 -7.32 13.63 -3.79
CA ALA A 225 -7.17 12.21 -3.52
C ALA A 225 -8.49 11.60 -3.07
N HIS A 226 -9.28 12.34 -2.29
CA HIS A 226 -10.57 11.82 -1.85
C HIS A 226 -11.51 11.58 -3.03
N LYS A 227 -11.42 12.42 -4.08
CA LYS A 227 -12.28 12.18 -5.24
C LYS A 227 -11.69 11.12 -6.17
N ARG A 228 -10.41 11.24 -6.52
CA ARG A 228 -9.80 10.39 -7.53
C ARG A 228 -9.48 9.00 -7.02
N PHE A 229 -9.19 8.86 -5.73
CA PHE A 229 -8.70 7.61 -5.15
C PHE A 229 -9.57 7.21 -3.96
N GLU A 230 -10.89 7.22 -4.18
CA GLU A 230 -11.82 6.85 -3.13
C GLU A 230 -11.53 5.45 -2.62
N GLY A 231 -11.47 5.31 -1.30
CA GLY A 231 -11.21 4.03 -0.69
C GLY A 231 -9.75 3.73 -0.46
N TYR A 232 -8.83 4.53 -1.00
CA TYR A 232 -7.42 4.32 -0.75
C TYR A 232 -7.09 4.63 0.70
N LYS A 233 -6.05 3.97 1.21
CA LYS A 233 -5.60 4.22 2.58
C LYS A 233 -4.81 5.52 2.62
N SER A 234 -5.28 6.48 3.43
CA SER A 234 -4.66 7.79 3.52
C SER A 234 -3.41 7.73 4.39
N PRO A 235 -2.45 8.63 4.16
CA PRO A 235 -1.33 8.78 5.10
C PRO A 235 -1.82 8.95 6.54
N ALA A 236 -1.11 8.31 7.47
CA ALA A 236 -1.48 8.38 8.89
C ALA A 236 -1.63 9.83 9.35
N ALA A 237 -0.76 10.72 8.87
CA ALA A 237 -0.77 12.11 9.33
C ALA A 237 -2.04 12.84 8.94
N TRP A 238 -2.86 12.30 8.04
CA TRP A 238 -4.14 12.92 7.69
C TRP A 238 -5.22 12.63 8.71
N ASN A 239 -4.98 11.72 9.67
CA ASN A 239 -5.93 11.39 10.72
C ASN A 239 -7.21 10.79 10.13
N GLU A 240 -7.02 9.71 9.36
CA GLU A 240 -8.07 9.00 8.65
C GLU A 240 -8.72 9.84 7.57
N GLY A 241 -8.18 11.02 7.26
CA GLY A 241 -8.74 11.88 6.25
C GLY A 241 -8.50 11.33 4.85
#